data_1LC0
#
_entry.id   1LC0
#
_cell.length_a   51.780
_cell.length_b   75.730
_cell.length_c   76.080
_cell.angle_alpha   90.00
_cell.angle_beta   90.00
_cell.angle_gamma   90.00
#
_symmetry.space_group_name_H-M   'P 21 21 21'
#
loop_
_entity.id
_entity.type
_entity.pdbx_description
1 polymer 'Biliverdin Reductase A'
2 non-polymer 'PHOSPHATE ION'
3 water water
#
_entity_poly.entity_id   1
_entity_poly.type   'polypeptide(L)'
_entity_poly.pdbx_seq_one_letter_code
;MITNSGKFGVVVVGVGRAGSVRLRDLKDPRSAAFLNLIGFVSRRELGSLDEVRQISLEDALRSQEIDVAYICSESSSHED
YIRQFLQAGKHVLVEYPMTLSFAAAQELWELAAQKGRVLHEEHVELLMEEFEFLRREVLGKELLKGSLRFTASPLEEERF
GFPAFSGISRLTWLVSLFGELSLISATLEERKEDQYMKMTVQLETQNKGLLSWIEEKGPGLKRNRYVNFQFTSGSLEEVP
SVGVNKNIFLKDQDIFVQKLLDQVSAEDLAAEKKRIMHCLGLASDIQKLCHQKK
;
_entity_poly.pdbx_strand_id   A
#
# COMPACT_ATOMS: atom_id res chain seq x y z
N MET A 1 -41.34 5.00 -3.91
CA MET A 1 -40.94 4.60 -2.54
C MET A 1 -39.63 5.29 -2.16
N ILE A 2 -39.55 5.77 -0.92
CA ILE A 2 -38.35 6.42 -0.42
C ILE A 2 -37.62 5.39 0.43
N THR A 3 -36.46 4.96 -0.04
CA THR A 3 -35.64 3.98 0.67
C THR A 3 -34.23 4.50 0.90
N ASN A 4 -33.86 4.64 2.17
CA ASN A 4 -32.53 5.12 2.53
C ASN A 4 -31.50 4.04 2.30
N SER A 5 -30.58 4.28 1.38
CA SER A 5 -29.54 3.32 1.08
C SER A 5 -28.65 3.06 2.28
N GLY A 6 -28.34 1.78 2.52
CA GLY A 6 -27.48 1.42 3.63
C GLY A 6 -26.07 1.15 3.13
N LYS A 7 -25.89 1.23 1.82
CA LYS A 7 -24.59 1.00 1.21
C LYS A 7 -23.72 2.25 1.30
N PHE A 8 -22.41 2.04 1.34
CA PHE A 8 -21.47 3.15 1.40
C PHE A 8 -21.20 3.67 -0.02
N GLY A 9 -21.38 4.97 -0.21
CA GLY A 9 -21.13 5.57 -1.51
C GLY A 9 -19.64 5.80 -1.69
N VAL A 10 -19.09 5.31 -2.80
CA VAL A 10 -17.66 5.39 -3.09
C VAL A 10 -17.30 6.28 -4.27
N VAL A 11 -16.24 7.08 -4.11
CA VAL A 11 -15.75 7.87 -5.22
C VAL A 11 -14.29 7.43 -5.38
N VAL A 12 -13.89 7.15 -6.62
CA VAL A 12 -12.52 6.74 -6.92
C VAL A 12 -11.78 7.99 -7.40
N VAL A 13 -10.65 8.26 -6.77
CA VAL A 13 -9.85 9.44 -7.09
C VAL A 13 -8.56 9.04 -7.81
N GLY A 14 -8.47 9.43 -9.08
CA GLY A 14 -7.32 9.10 -9.90
C GLY A 14 -7.68 7.91 -10.76
N VAL A 15 -7.78 8.08 -12.08
CA VAL A 15 -8.17 6.97 -12.92
C VAL A 15 -7.08 6.33 -13.77
N GLY A 16 -5.86 6.36 -13.27
CA GLY A 16 -4.76 5.69 -13.94
C GLY A 16 -5.06 4.20 -13.76
N ARG A 17 -4.05 3.36 -13.85
CA ARG A 17 -4.27 1.93 -13.72
C ARG A 17 -4.90 1.49 -12.41
N ALA A 18 -4.35 1.96 -11.30
CA ALA A 18 -4.87 1.59 -9.99
C ALA A 18 -6.34 1.97 -9.84
N GLY A 19 -6.69 3.17 -10.28
CA GLY A 19 -8.08 3.60 -10.18
C GLY A 19 -8.98 2.77 -11.07
N SER A 20 -8.49 2.41 -12.26
CA SER A 20 -9.27 1.62 -13.19
C SER A 20 -9.55 0.24 -12.60
N VAL A 21 -8.58 -0.32 -11.88
CA VAL A 21 -8.75 -1.61 -11.24
C VAL A 21 -9.84 -1.51 -10.16
N ARG A 22 -9.81 -0.43 -9.36
CA ARG A 22 -10.84 -0.28 -8.34
C ARG A 22 -12.22 -0.07 -8.96
N LEU A 23 -12.30 0.68 -10.05
CA LEU A 23 -13.59 0.91 -10.72
C LEU A 23 -14.14 -0.42 -11.22
N ARG A 24 -13.27 -1.23 -11.83
CA ARG A 24 -13.67 -2.54 -12.33
C ARG A 24 -14.21 -3.40 -11.19
N ASP A 25 -13.45 -3.48 -10.11
CA ASP A 25 -13.85 -4.30 -8.97
C ASP A 25 -15.13 -3.84 -8.27
N LEU A 26 -15.40 -2.54 -8.28
CA LEU A 26 -16.59 -2.02 -7.65
C LEU A 26 -17.87 -2.49 -8.36
N LYS A 27 -17.73 -2.98 -9.58
CA LYS A 27 -18.87 -3.45 -10.34
C LYS A 27 -19.12 -4.96 -10.12
N ASP A 28 -18.12 -5.63 -9.54
CA ASP A 28 -18.20 -7.06 -9.25
C ASP A 28 -19.27 -7.38 -8.20
N PRO A 29 -19.93 -8.55 -8.31
CA PRO A 29 -20.97 -8.90 -7.33
C PRO A 29 -20.46 -8.83 -5.89
N ARG A 30 -19.16 -9.07 -5.69
CA ARG A 30 -18.58 -9.03 -4.36
C ARG A 30 -18.57 -7.62 -3.74
N SER A 31 -18.92 -6.63 -4.54
CA SER A 31 -18.97 -5.24 -4.07
C SER A 31 -20.41 -4.75 -3.93
N ALA A 32 -21.35 -5.53 -4.47
CA ALA A 32 -22.76 -5.12 -4.51
C ALA A 32 -23.52 -4.93 -3.21
N ALA A 33 -23.30 -5.78 -2.22
CA ALA A 33 -24.05 -5.66 -0.99
C ALA A 33 -23.70 -4.50 -0.08
N PHE A 34 -22.46 -4.02 -0.14
CA PHE A 34 -22.05 -2.95 0.75
C PHE A 34 -21.57 -1.65 0.14
N LEU A 35 -21.27 -1.66 -1.16
CA LEU A 35 -20.73 -0.47 -1.79
C LEU A 35 -21.51 -0.02 -3.02
N ASN A 36 -21.59 1.30 -3.19
CA ASN A 36 -22.26 1.86 -4.35
C ASN A 36 -21.32 2.87 -4.98
N LEU A 37 -20.92 2.60 -6.21
CA LEU A 37 -20.01 3.49 -6.93
C LEU A 37 -20.75 4.73 -7.37
N ILE A 38 -20.35 5.88 -6.81
CA ILE A 38 -20.99 7.15 -7.14
C ILE A 38 -20.37 7.83 -8.36
N GLY A 39 -19.04 7.77 -8.45
CA GLY A 39 -18.35 8.38 -9.58
C GLY A 39 -16.85 8.41 -9.34
N PHE A 40 -16.14 9.21 -10.13
CA PHE A 40 -14.70 9.31 -9.97
C PHE A 40 -14.24 10.76 -10.08
N VAL A 41 -13.09 11.04 -9.47
CA VAL A 41 -12.47 12.35 -9.52
C VAL A 41 -11.20 12.20 -10.36
N SER A 42 -11.02 13.10 -11.31
CA SER A 42 -9.83 13.10 -12.16
C SER A 42 -9.40 14.52 -12.40
N ARG A 43 -8.08 14.71 -12.54
CA ARG A 43 -7.55 16.03 -12.81
C ARG A 43 -7.63 16.32 -14.31
N ARG A 44 -8.13 15.34 -15.06
CA ARG A 44 -8.32 15.48 -16.50
C ARG A 44 -9.82 15.58 -16.76
N GLU A 45 -10.19 16.18 -17.89
CA GLU A 45 -11.60 16.34 -18.24
C GLU A 45 -12.14 15.15 -19.03
N LEU A 46 -12.54 14.10 -18.33
CA LEU A 46 -13.06 12.90 -18.98
C LEU A 46 -14.57 12.90 -19.11
N GLY A 47 -15.26 13.52 -18.15
CA GLY A 47 -16.71 13.58 -18.18
C GLY A 47 -17.34 12.31 -17.64
N SER A 48 -16.87 11.17 -18.14
CA SER A 48 -17.39 9.87 -17.71
C SER A 48 -16.52 8.76 -18.26
N LEU A 49 -16.74 7.56 -17.73
CA LEU A 49 -16.03 6.35 -18.17
C LEU A 49 -17.12 5.31 -18.11
N ASP A 50 -17.65 4.94 -19.27
CA ASP A 50 -18.75 3.99 -19.33
C ASP A 50 -19.90 4.69 -18.61
N GLU A 51 -20.59 3.95 -17.75
CA GLU A 51 -21.72 4.48 -17.00
C GLU A 51 -21.32 5.28 -15.77
N VAL A 52 -20.01 5.34 -15.49
CA VAL A 52 -19.53 6.06 -14.30
C VAL A 52 -19.24 7.53 -14.62
N ARG A 53 -19.89 8.43 -13.90
CA ARG A 53 -19.70 9.85 -14.17
C ARG A 53 -18.56 10.48 -13.38
N GLN A 54 -17.96 11.51 -13.95
CA GLN A 54 -16.90 12.24 -13.28
C GLN A 54 -17.55 13.28 -12.40
N ILE A 55 -16.97 13.49 -11.22
CA ILE A 55 -17.46 14.46 -10.26
C ILE A 55 -16.26 15.33 -9.92
N SER A 56 -16.46 16.64 -9.85
CA SER A 56 -15.36 17.53 -9.51
C SER A 56 -14.94 17.26 -8.07
N LEU A 57 -13.69 17.56 -7.75
CA LEU A 57 -13.20 17.36 -6.39
C LEU A 57 -14.07 18.12 -5.39
N GLU A 58 -14.32 19.38 -5.68
CA GLU A 58 -15.13 20.20 -4.79
C GLU A 58 -16.52 19.60 -4.57
N ASP A 59 -17.14 19.09 -5.63
CA ASP A 59 -18.46 18.49 -5.48
C ASP A 59 -18.37 17.18 -4.69
N ALA A 60 -17.29 16.43 -4.91
CA ALA A 60 -17.11 15.16 -4.21
C ALA A 60 -16.98 15.37 -2.70
N LEU A 61 -16.26 16.40 -2.31
CA LEU A 61 -16.07 16.72 -0.89
C LEU A 61 -17.38 17.16 -0.25
N ARG A 62 -18.23 17.81 -1.04
CA ARG A 62 -19.53 18.31 -0.57
C ARG A 62 -20.63 17.26 -0.62
N SER A 63 -20.49 16.28 -1.51
CA SER A 63 -21.50 15.24 -1.66
C SER A 63 -21.79 14.45 -0.40
N GLN A 64 -23.05 14.45 0.00
CA GLN A 64 -23.47 13.75 1.20
C GLN A 64 -23.64 12.25 0.97
N GLU A 65 -23.82 11.84 -0.28
CA GLU A 65 -23.99 10.42 -0.56
C GLU A 65 -22.64 9.71 -0.60
N ILE A 66 -21.58 10.46 -0.90
CA ILE A 66 -20.24 9.89 -0.92
C ILE A 66 -19.79 9.72 0.53
N ASP A 67 -19.57 8.48 0.93
CA ASP A 67 -19.14 8.15 2.28
C ASP A 67 -17.68 7.73 2.33
N VAL A 68 -17.17 7.31 1.17
CA VAL A 68 -15.81 6.79 1.07
C VAL A 68 -15.09 7.28 -0.17
N ALA A 69 -13.79 7.51 -0.03
CA ALA A 69 -12.96 7.89 -1.15
C ALA A 69 -11.82 6.90 -1.27
N TYR A 70 -11.56 6.44 -2.50
CA TYR A 70 -10.44 5.55 -2.79
C TYR A 70 -9.40 6.46 -3.46
N ILE A 71 -8.22 6.58 -2.83
CA ILE A 71 -7.17 7.43 -3.38
C ILE A 71 -6.21 6.54 -4.15
N CYS A 72 -6.29 6.63 -5.47
CA CYS A 72 -5.51 5.78 -6.36
C CYS A 72 -4.52 6.50 -7.28
N SER A 73 -4.36 7.81 -7.06
CA SER A 73 -3.45 8.63 -7.86
C SER A 73 -1.99 8.32 -7.51
N GLU A 74 -1.05 9.01 -8.15
CA GLU A 74 0.36 8.77 -7.87
C GLU A 74 0.65 9.13 -6.42
N SER A 75 1.62 8.44 -5.83
CA SER A 75 1.94 8.64 -4.42
C SER A 75 2.19 10.07 -3.95
N SER A 76 2.84 10.91 -4.75
CA SER A 76 3.11 12.27 -4.32
C SER A 76 1.84 13.10 -4.08
N SER A 77 0.70 12.61 -4.55
CA SER A 77 -0.56 13.34 -4.36
C SER A 77 -1.43 12.73 -3.26
N HIS A 78 -1.01 11.61 -2.70
CA HIS A 78 -1.79 10.93 -1.66
C HIS A 78 -2.09 11.75 -0.41
N GLU A 79 -1.04 12.31 0.17
CA GLU A 79 -1.19 13.09 1.40
C GLU A 79 -2.28 14.15 1.31
N ASP A 80 -2.21 15.00 0.29
CA ASP A 80 -3.19 16.05 0.11
C ASP A 80 -4.60 15.54 -0.06
N TYR A 81 -4.78 14.53 -0.91
CA TYR A 81 -6.11 13.96 -1.13
C TYR A 81 -6.69 13.33 0.13
N ILE A 82 -5.86 12.58 0.87
CA ILE A 82 -6.34 11.95 2.10
C ILE A 82 -6.81 13.02 3.07
N ARG A 83 -5.98 14.04 3.28
CA ARG A 83 -6.31 15.10 4.21
C ARG A 83 -7.63 15.77 3.84
N GLN A 84 -7.79 16.11 2.57
CA GLN A 84 -9.02 16.76 2.14
C GLN A 84 -10.27 15.92 2.37
N PHE A 85 -10.22 14.64 2.03
CA PHE A 85 -11.38 13.79 2.22
C PHE A 85 -11.69 13.46 3.67
N LEU A 86 -10.66 13.29 4.50
CA LEU A 86 -10.89 13.03 5.92
C LEU A 86 -11.51 14.28 6.55
N GLN A 87 -10.98 15.44 6.20
CA GLN A 87 -11.50 16.70 6.75
C GLN A 87 -12.96 16.89 6.37
N ALA A 88 -13.31 16.41 5.17
CA ALA A 88 -14.68 16.51 4.68
C ALA A 88 -15.58 15.43 5.27
N GLY A 89 -15.01 14.56 6.12
CA GLY A 89 -15.81 13.53 6.75
C GLY A 89 -16.02 12.22 6.02
N LYS A 90 -15.14 11.90 5.08
CA LYS A 90 -15.26 10.65 4.34
C LYS A 90 -14.23 9.62 4.81
N HIS A 91 -14.60 8.35 4.75
CA HIS A 91 -13.67 7.28 5.07
C HIS A 91 -12.70 7.24 3.89
N VAL A 92 -11.48 6.77 4.12
CA VAL A 92 -10.49 6.75 3.06
C VAL A 92 -9.69 5.47 2.93
N LEU A 93 -9.62 4.97 1.69
CA LEU A 93 -8.79 3.83 1.36
C LEU A 93 -7.74 4.46 0.44
N VAL A 94 -6.48 4.12 0.65
CA VAL A 94 -5.42 4.67 -0.19
C VAL A 94 -4.42 3.56 -0.52
N GLU A 95 -3.95 3.53 -1.76
CA GLU A 95 -2.97 2.52 -2.15
C GLU A 95 -1.63 2.93 -1.52
N TYR A 96 -0.82 1.97 -1.10
CA TYR A 96 0.46 2.33 -0.49
C TYR A 96 1.35 3.03 -1.51
N PRO A 97 2.20 3.97 -1.06
CA PRO A 97 2.36 4.42 0.32
C PRO A 97 1.38 5.56 0.58
N MET A 98 0.79 5.60 1.76
CA MET A 98 -0.18 6.64 2.08
C MET A 98 0.43 8.04 2.01
N THR A 99 1.71 8.15 2.34
CA THR A 99 2.43 9.43 2.25
C THR A 99 3.88 9.13 1.95
N LEU A 100 4.66 10.19 1.74
CA LEU A 100 6.09 10.08 1.49
C LEU A 100 6.79 10.77 2.66
N SER A 101 6.06 10.91 3.75
CA SER A 101 6.54 11.55 4.97
C SER A 101 5.97 10.89 6.23
N PHE A 102 6.84 10.52 7.15
CA PHE A 102 6.42 9.88 8.39
C PHE A 102 5.53 10.81 9.22
N ALA A 103 5.98 12.06 9.39
CA ALA A 103 5.22 13.03 10.16
C ALA A 103 3.82 13.26 9.59
N ALA A 104 3.74 13.35 8.26
CA ALA A 104 2.45 13.55 7.60
C ALA A 104 1.51 12.39 7.86
N ALA A 105 2.07 11.17 7.86
CA ALA A 105 1.26 9.97 8.11
C ALA A 105 0.70 10.03 9.53
N GLN A 106 1.52 10.47 10.48
CA GLN A 106 1.07 10.59 11.87
C GLN A 106 -0.10 11.56 11.94
N GLU A 107 0.02 12.68 11.24
CA GLU A 107 -1.02 13.70 11.19
C GLU A 107 -2.33 13.13 10.66
N LEU A 108 -2.23 12.35 9.58
CA LEU A 108 -3.41 11.77 8.96
C LEU A 108 -4.12 10.74 9.83
N TRP A 109 -3.36 9.92 10.55
CA TRP A 109 -3.97 8.93 11.43
C TRP A 109 -4.71 9.66 12.54
N GLU A 110 -4.14 10.75 13.03
CA GLU A 110 -4.78 11.53 14.08
C GLU A 110 -6.07 12.18 13.56
N LEU A 111 -6.01 12.69 12.34
CA LEU A 111 -7.18 13.33 11.74
C LEU A 111 -8.31 12.31 11.54
N ALA A 112 -7.94 11.12 11.06
CA ALA A 112 -8.94 10.07 10.84
C ALA A 112 -9.64 9.75 12.15
N ALA A 113 -8.87 9.63 13.23
CA ALA A 113 -9.44 9.34 14.54
C ALA A 113 -10.36 10.49 14.96
N GLN A 114 -9.89 11.71 14.76
CA GLN A 114 -10.66 12.90 15.10
C GLN A 114 -12.04 12.89 14.44
N LYS A 115 -12.07 12.57 13.15
CA LYS A 115 -13.30 12.56 12.38
C LYS A 115 -14.08 11.25 12.47
N GLY A 116 -13.57 10.30 13.26
CA GLY A 116 -14.23 9.01 13.41
C GLY A 116 -14.30 8.22 12.12
N ARG A 117 -13.32 8.40 11.25
CA ARG A 117 -13.27 7.71 9.97
C ARG A 117 -12.29 6.55 9.91
N VAL A 118 -12.55 5.64 8.98
CA VAL A 118 -11.65 4.52 8.74
C VAL A 118 -10.62 5.03 7.73
N LEU A 119 -9.34 4.81 8.02
CA LEU A 119 -8.26 5.16 7.12
C LEU A 119 -7.58 3.82 6.90
N HIS A 120 -7.51 3.40 5.64
CA HIS A 120 -6.95 2.10 5.28
C HIS A 120 -5.87 2.23 4.20
N GLU A 121 -4.68 1.74 4.50
CA GLU A 121 -3.57 1.75 3.55
C GLU A 121 -3.48 0.33 2.99
N GLU A 122 -3.80 0.18 1.71
CA GLU A 122 -3.77 -1.11 1.04
C GLU A 122 -2.37 -1.68 0.90
N HIS A 123 -2.23 -2.97 1.24
CA HIS A 123 -0.97 -3.69 1.12
C HIS A 123 -1.25 -5.09 0.55
N VAL A 124 -1.57 -5.16 -0.73
CA VAL A 124 -1.86 -6.44 -1.36
C VAL A 124 -0.68 -7.41 -1.31
N GLU A 125 0.54 -6.90 -1.11
CA GLU A 125 1.68 -7.81 -1.08
C GLU A 125 1.54 -8.84 0.04
N LEU A 126 0.83 -8.49 1.11
CA LEU A 126 0.65 -9.42 2.21
C LEU A 126 -0.48 -10.42 1.94
N LEU A 127 -1.18 -10.23 0.82
CA LEU A 127 -2.28 -11.11 0.45
C LEU A 127 -1.90 -12.01 -0.71
N MET A 128 -0.65 -11.91 -1.15
CA MET A 128 -0.14 -12.71 -2.27
C MET A 128 0.00 -14.18 -1.93
N GLU A 129 -0.21 -15.02 -2.94
CA GLU A 129 -0.05 -16.45 -2.79
C GLU A 129 1.40 -16.70 -2.35
N GLU A 130 2.31 -15.91 -2.88
CA GLU A 130 3.73 -16.01 -2.54
C GLU A 130 3.97 -15.70 -1.06
N PHE A 131 3.20 -14.78 -0.50
CA PHE A 131 3.38 -14.45 0.90
C PHE A 131 2.79 -15.54 1.80
N GLU A 132 1.72 -16.20 1.36
CA GLU A 132 1.13 -17.28 2.13
C GLU A 132 2.19 -18.38 2.26
N PHE A 133 2.93 -18.61 1.18
CA PHE A 133 3.99 -19.61 1.17
C PHE A 133 5.02 -19.22 2.23
N LEU A 134 5.44 -17.96 2.22
CA LEU A 134 6.43 -17.49 3.18
C LEU A 134 5.98 -17.55 4.64
N ARG A 135 4.72 -17.23 4.89
CA ARG A 135 4.18 -17.28 6.25
C ARG A 135 4.34 -18.69 6.82
N ARG A 136 4.01 -19.69 6.02
CA ARG A 136 4.13 -21.08 6.44
C ARG A 136 5.59 -21.48 6.60
N GLU A 137 6.43 -21.03 5.69
CA GLU A 137 7.86 -21.34 5.72
C GLU A 137 8.61 -20.83 6.95
N VAL A 138 8.37 -19.58 7.33
CA VAL A 138 9.06 -19.01 8.49
C VAL A 138 8.53 -19.47 9.85
N LEU A 139 7.31 -20.02 9.84
CA LEU A 139 6.69 -20.47 11.08
C LEU A 139 7.58 -21.46 11.86
N GLY A 140 7.89 -21.09 13.09
CA GLY A 140 8.72 -21.95 13.93
C GLY A 140 10.18 -22.04 13.55
N LYS A 141 10.64 -21.14 12.69
CA LYS A 141 12.05 -21.15 12.28
C LYS A 141 12.80 -19.94 12.82
N GLU A 142 14.12 -20.08 12.89
CA GLU A 142 14.97 -19.00 13.38
C GLU A 142 15.83 -18.43 12.26
N LEU A 143 15.59 -17.18 11.92
CA LEU A 143 16.34 -16.51 10.86
C LEU A 143 17.73 -16.11 11.32
N LEU A 144 18.75 -16.49 10.56
CA LEU A 144 20.12 -16.13 10.88
C LEU A 144 20.44 -14.90 10.05
N LYS A 145 20.22 -15.01 8.74
CA LYS A 145 20.47 -13.90 7.83
C LYS A 145 19.63 -14.13 6.58
N GLY A 146 19.41 -13.07 5.82
CA GLY A 146 18.62 -13.20 4.61
C GLY A 146 18.68 -11.94 3.78
N SER A 147 18.23 -12.06 2.54
CA SER A 147 18.21 -10.93 1.63
C SER A 147 16.98 -10.97 0.75
N LEU A 148 16.49 -9.80 0.41
CA LEU A 148 15.32 -9.66 -0.45
C LEU A 148 15.69 -8.54 -1.41
N ARG A 149 15.74 -8.86 -2.69
CA ARG A 149 16.09 -7.88 -3.71
C ARG A 149 15.01 -7.84 -4.78
N PHE A 150 14.68 -6.63 -5.22
CA PHE A 150 13.67 -6.44 -6.25
C PHE A 150 14.23 -5.56 -7.36
N THR A 151 14.15 -6.02 -8.59
CA THR A 151 14.62 -5.25 -9.73
C THR A 151 13.42 -4.86 -10.58
N ALA A 152 13.53 -3.72 -11.27
CA ALA A 152 12.45 -3.23 -12.12
C ALA A 152 12.96 -2.11 -13.02
N SER A 153 12.06 -1.55 -13.83
CA SER A 153 12.41 -0.47 -14.74
C SER A 153 12.42 0.85 -13.99
N PRO A 154 13.02 1.90 -14.58
CA PRO A 154 13.09 3.22 -13.96
C PRO A 154 11.72 3.72 -13.50
N LEU A 155 11.69 4.36 -12.33
CA LEU A 155 10.45 4.88 -11.78
C LEU A 155 10.61 6.36 -11.43
N GLU A 156 9.70 7.18 -11.94
CA GLU A 156 9.71 8.61 -11.69
C GLU A 156 9.59 8.90 -10.20
N GLU A 157 10.71 9.28 -9.58
CA GLU A 157 10.74 9.57 -8.16
C GLU A 157 9.90 10.81 -7.81
N GLU A 158 9.84 11.76 -8.74
CA GLU A 158 9.08 12.99 -8.54
C GLU A 158 7.61 12.70 -8.27
N ARG A 159 7.09 11.66 -8.93
CA ARG A 159 5.68 11.30 -8.78
C ARG A 159 5.44 10.06 -7.94
N PHE A 160 6.36 9.10 -7.99
CA PHE A 160 6.20 7.86 -7.25
C PHE A 160 6.98 7.76 -5.94
N GLY A 161 7.85 8.73 -5.68
CA GLY A 161 8.60 8.72 -4.44
C GLY A 161 9.95 8.02 -4.44
N PHE A 162 10.69 8.26 -3.36
CA PHE A 162 12.02 7.67 -3.14
C PHE A 162 11.86 6.15 -3.11
N PRO A 163 12.86 5.40 -3.59
CA PRO A 163 12.80 3.94 -3.62
C PRO A 163 12.34 3.21 -2.35
N ALA A 164 12.68 3.75 -1.17
CA ALA A 164 12.28 3.10 0.08
C ALA A 164 10.77 3.20 0.26
N PHE A 165 10.16 4.22 -0.31
CA PHE A 165 8.72 4.40 -0.21
C PHE A 165 8.00 3.67 -1.35
N SER A 166 8.47 3.86 -2.58
CA SER A 166 7.83 3.22 -3.72
C SER A 166 7.93 1.70 -3.62
N GLY A 167 9.01 1.20 -3.04
CA GLY A 167 9.19 -0.24 -2.90
C GLY A 167 8.96 -0.72 -1.48
N ILE A 168 8.18 0.05 -0.73
CA ILE A 168 7.91 -0.30 0.66
C ILE A 168 7.20 -1.64 0.84
N SER A 169 6.69 -2.19 -0.26
CA SER A 169 6.03 -3.50 -0.20
C SER A 169 7.04 -4.58 0.18
N ARG A 170 8.29 -4.44 -0.28
CA ARG A 170 9.31 -5.42 0.04
C ARG A 170 9.66 -5.31 1.53
N LEU A 171 9.78 -4.09 2.03
CA LEU A 171 10.07 -3.89 3.45
C LEU A 171 8.91 -4.45 4.28
N THR A 172 7.70 -4.26 3.80
CA THR A 172 6.51 -4.75 4.51
C THR A 172 6.55 -6.27 4.64
N TRP A 173 6.99 -6.97 3.59
CA TRP A 173 7.13 -8.42 3.65
C TRP A 173 8.07 -8.77 4.81
N LEU A 174 9.22 -8.10 4.87
CA LEU A 174 10.21 -8.38 5.90
C LEU A 174 9.73 -8.11 7.31
N VAL A 175 9.07 -6.97 7.52
CA VAL A 175 8.57 -6.63 8.85
C VAL A 175 7.43 -7.55 9.27
N SER A 176 6.57 -7.92 8.34
CA SER A 176 5.46 -8.81 8.65
C SER A 176 5.98 -10.20 9.04
N LEU A 177 6.99 -10.68 8.33
CA LEU A 177 7.55 -12.00 8.61
C LEU A 177 8.48 -12.05 9.82
N PHE A 178 9.35 -11.07 9.93
CA PHE A 178 10.35 -11.06 11.00
C PHE A 178 10.24 -10.03 12.12
N GLY A 179 9.18 -9.22 12.09
CA GLY A 179 8.97 -8.23 13.14
C GLY A 179 9.67 -6.90 12.89
N GLU A 180 9.58 -6.00 13.86
CA GLU A 180 10.19 -4.69 13.73
C GLU A 180 11.71 -4.81 13.58
N LEU A 181 12.26 -3.94 12.74
CA LEU A 181 13.68 -3.97 12.43
C LEU A 181 14.45 -2.72 12.82
N SER A 182 15.74 -2.90 13.06
CA SER A 182 16.64 -1.80 13.40
C SER A 182 17.46 -1.50 12.14
N LEU A 183 17.62 -0.21 11.85
CA LEU A 183 18.37 0.20 10.67
C LEU A 183 19.86 0.30 10.94
N ILE A 184 20.66 -0.46 10.18
CA ILE A 184 22.10 -0.44 10.33
C ILE A 184 22.75 0.51 9.33
N SER A 185 22.36 0.43 8.07
CA SER A 185 22.92 1.31 7.06
C SER A 185 22.04 1.38 5.81
N ALA A 186 22.29 2.41 5.00
CA ALA A 186 21.56 2.60 3.77
C ALA A 186 22.46 3.31 2.78
N THR A 187 22.59 2.74 1.58
CA THR A 187 23.44 3.30 0.54
C THR A 187 22.63 3.47 -0.74
N LEU A 188 22.99 4.48 -1.53
CA LEU A 188 22.29 4.75 -2.77
C LEU A 188 23.25 5.04 -3.92
N GLU A 189 23.11 4.27 -4.99
CA GLU A 189 23.94 4.44 -6.19
C GLU A 189 23.04 5.01 -7.27
N GLU A 190 23.50 6.07 -7.93
CA GLU A 190 22.70 6.70 -8.98
C GLU A 190 23.44 7.08 -10.25
N ARG A 191 22.71 7.05 -11.35
CA ARG A 191 23.20 7.41 -12.67
C ARG A 191 21.97 7.82 -13.49
N LYS A 192 21.43 8.98 -13.15
CA LYS A 192 20.24 9.51 -13.80
C LYS A 192 20.30 9.52 -15.33
N GLU A 193 21.45 9.88 -15.89
CA GLU A 193 21.58 9.91 -17.34
C GLU A 193 21.43 8.49 -17.92
N ASP A 194 21.61 7.49 -17.06
CA ASP A 194 21.46 6.09 -17.46
C ASP A 194 20.20 5.54 -16.82
N GLN A 195 19.51 6.39 -16.06
CA GLN A 195 18.29 5.99 -15.38
C GLN A 195 18.49 4.74 -14.54
N TYR A 196 19.67 4.62 -13.93
CA TYR A 196 20.00 3.48 -13.09
C TYR A 196 20.16 3.90 -11.63
N MET A 197 19.79 3.01 -10.72
CA MET A 197 19.90 3.29 -9.31
C MET A 197 19.68 2.04 -8.47
N LYS A 198 20.51 1.87 -7.44
CA LYS A 198 20.42 0.71 -6.55
C LYS A 198 20.52 1.16 -5.11
N MET A 199 19.51 0.81 -4.32
CA MET A 199 19.47 1.15 -2.90
C MET A 199 19.72 -0.12 -2.09
N THR A 200 20.71 -0.07 -1.22
CA THR A 200 21.06 -1.22 -0.38
C THR A 200 20.87 -0.85 1.08
N VAL A 201 20.00 -1.59 1.75
CA VAL A 201 19.70 -1.36 3.16
C VAL A 201 20.03 -2.56 4.02
N GLN A 202 20.74 -2.31 5.12
CA GLN A 202 21.09 -3.36 6.06
C GLN A 202 20.22 -3.19 7.30
N LEU A 203 19.50 -4.25 7.65
CA LEU A 203 18.60 -4.23 8.79
C LEU A 203 18.89 -5.38 9.74
N GLU A 204 18.34 -5.30 10.94
CA GLU A 204 18.54 -6.31 11.96
C GLU A 204 17.25 -6.57 12.73
N THR A 205 16.88 -7.84 12.85
CA THR A 205 15.67 -8.21 13.57
C THR A 205 15.96 -8.16 15.07
N GLN A 206 14.92 -8.34 15.87
CA GLN A 206 15.06 -8.32 17.32
C GLN A 206 15.77 -9.59 17.79
N ASN A 207 15.90 -10.56 16.90
CA ASN A 207 16.55 -11.83 17.22
C ASN A 207 17.94 -11.91 16.58
N LYS A 208 18.53 -10.75 16.34
CA LYS A 208 19.87 -10.65 15.77
C LYS A 208 20.00 -11.19 14.35
N GLY A 209 18.88 -11.26 13.63
CA GLY A 209 18.93 -11.73 12.26
C GLY A 209 19.35 -10.58 11.37
N LEU A 210 20.26 -10.84 10.43
CA LEU A 210 20.73 -9.79 9.54
C LEU A 210 20.06 -9.84 8.18
N LEU A 211 19.34 -8.77 7.85
CA LEU A 211 18.62 -8.69 6.59
C LEU A 211 19.16 -7.62 5.64
N SER A 212 19.25 -7.98 4.37
CA SER A 212 19.70 -7.07 3.34
C SER A 212 18.52 -6.83 2.41
N TRP A 213 18.16 -5.57 2.23
CA TRP A 213 17.05 -5.20 1.35
C TRP A 213 17.61 -4.35 0.24
N ILE A 214 17.43 -4.82 -1.00
CA ILE A 214 17.93 -4.11 -2.16
C ILE A 214 16.85 -3.80 -3.18
N GLU A 215 16.79 -2.54 -3.61
CA GLU A 215 15.86 -2.11 -4.64
C GLU A 215 16.74 -1.62 -5.78
N GLU A 216 16.56 -2.21 -6.95
CA GLU A 216 17.36 -1.85 -8.11
C GLU A 216 16.46 -1.52 -9.30
N LYS A 217 16.78 -0.43 -9.99
CA LYS A 217 16.00 0.00 -11.14
C LYS A 217 16.93 0.42 -12.27
N GLY A 218 16.58 0.02 -13.50
CA GLY A 218 17.40 0.37 -14.65
C GLY A 218 16.69 0.04 -15.95
N PRO A 219 17.05 0.71 -17.05
CA PRO A 219 16.44 0.48 -18.36
C PRO A 219 16.56 -0.97 -18.82
N GLY A 220 15.43 -1.61 -19.11
CA GLY A 220 15.45 -2.98 -19.58
C GLY A 220 15.31 -4.05 -18.51
N LEU A 221 15.57 -3.68 -17.26
CA LEU A 221 15.47 -4.64 -16.16
C LEU A 221 14.04 -5.16 -15.97
N LYS A 222 13.90 -6.48 -15.92
CA LYS A 222 12.60 -7.10 -15.73
C LYS A 222 12.22 -7.07 -14.25
N ARG A 223 10.93 -7.15 -13.97
CA ARG A 223 10.45 -7.14 -12.59
C ARG A 223 10.66 -8.52 -11.97
N ASN A 224 11.71 -8.64 -11.17
CA ASN A 224 12.00 -9.92 -10.53
C ASN A 224 12.40 -9.73 -9.07
N ARG A 225 12.03 -10.71 -8.26
CA ARG A 225 12.36 -10.67 -6.84
C ARG A 225 13.32 -11.81 -6.55
N TYR A 226 14.28 -11.55 -5.68
CA TYR A 226 15.26 -12.54 -5.28
C TYR A 226 15.15 -12.73 -3.78
N VAL A 227 14.76 -13.93 -3.38
CA VAL A 227 14.59 -14.27 -1.98
C VAL A 227 15.65 -15.28 -1.55
N ASN A 228 16.37 -14.96 -0.48
CA ASN A 228 17.39 -15.87 0.03
C ASN A 228 17.41 -15.73 1.54
N PHE A 229 16.74 -16.65 2.22
CA PHE A 229 16.66 -16.63 3.67
C PHE A 229 17.45 -17.80 4.27
N GLN A 230 18.35 -17.47 5.19
CA GLN A 230 19.18 -18.44 5.88
C GLN A 230 18.60 -18.74 7.25
N PHE A 231 18.06 -19.95 7.43
CA PHE A 231 17.51 -20.33 8.72
C PHE A 231 18.47 -21.31 9.39
N THR A 232 18.31 -21.53 10.67
CA THR A 232 19.16 -22.46 11.41
C THR A 232 18.82 -23.88 10.99
N SER A 233 17.58 -24.06 10.55
CA SER A 233 17.10 -25.37 10.12
C SER A 233 16.60 -25.29 8.68
N GLY A 234 17.54 -25.37 7.73
CA GLY A 234 17.17 -25.31 6.33
C GLY A 234 17.36 -23.93 5.74
N SER A 235 17.17 -23.83 4.43
CA SER A 235 17.32 -22.57 3.72
C SER A 235 16.25 -22.41 2.64
N LEU A 236 15.97 -21.16 2.28
CA LEU A 236 14.97 -20.86 1.26
C LEU A 236 15.58 -19.91 0.24
N GLU A 237 15.56 -20.29 -1.04
CA GLU A 237 16.12 -19.44 -2.06
C GLU A 237 15.18 -19.22 -3.24
N GLU A 238 13.94 -19.69 -3.09
CA GLU A 238 12.96 -19.53 -4.14
C GLU A 238 11.54 -19.67 -3.61
N VAL A 239 10.65 -18.82 -4.11
CA VAL A 239 9.24 -18.85 -3.73
C VAL A 239 8.45 -19.14 -4.99
N PRO A 240 7.66 -20.21 -4.99
CA PRO A 240 6.88 -20.56 -6.17
C PRO A 240 5.74 -19.58 -6.51
N SER A 241 5.50 -19.43 -7.80
CA SER A 241 4.42 -18.58 -8.31
C SER A 241 3.67 -19.44 -9.31
N VAL A 242 2.68 -20.18 -8.83
CA VAL A 242 1.89 -21.08 -9.68
C VAL A 242 0.50 -20.54 -9.99
N GLY A 243 0.13 -19.45 -9.33
CA GLY A 243 -1.15 -18.83 -9.57
C GLY A 243 -0.93 -17.46 -10.17
N VAL A 244 -1.99 -16.65 -10.23
CA VAL A 244 -1.88 -15.31 -10.80
C VAL A 244 -2.45 -14.28 -9.84
N ASN A 245 -2.55 -14.64 -8.57
CA ASN A 245 -3.10 -13.75 -7.55
C ASN A 245 -4.39 -13.12 -8.01
N LYS A 246 -5.27 -13.97 -8.53
CA LYS A 246 -6.56 -13.52 -9.02
C LYS A 246 -7.40 -12.87 -7.92
N ASN A 247 -7.99 -11.73 -8.25
CA ASN A 247 -8.86 -11.00 -7.32
C ASN A 247 -8.17 -10.52 -6.05
N ILE A 248 -6.87 -10.30 -6.10
CA ILE A 248 -6.16 -9.86 -4.91
C ILE A 248 -6.62 -8.49 -4.42
N PHE A 249 -6.96 -7.57 -5.33
CA PHE A 249 -7.43 -6.27 -4.87
C PHE A 249 -8.81 -6.38 -4.22
N LEU A 250 -9.65 -7.30 -4.69
CA LEU A 250 -10.96 -7.50 -4.05
C LEU A 250 -10.72 -8.02 -2.64
N LYS A 251 -9.67 -8.81 -2.45
CA LYS A 251 -9.37 -9.31 -1.11
C LYS A 251 -9.05 -8.13 -0.19
N ASP A 252 -8.33 -7.14 -0.71
CA ASP A 252 -8.01 -5.97 0.08
C ASP A 252 -9.28 -5.17 0.35
N GLN A 253 -10.12 -5.01 -0.66
CA GLN A 253 -11.36 -4.28 -0.47
C GLN A 253 -12.20 -4.96 0.60
N ASP A 254 -12.18 -6.30 0.63
CA ASP A 254 -12.94 -7.04 1.64
C ASP A 254 -12.50 -6.64 3.05
N ILE A 255 -11.20 -6.46 3.25
CA ILE A 255 -10.70 -6.06 4.56
C ILE A 255 -11.23 -4.66 4.90
N PHE A 256 -11.17 -3.77 3.93
CA PHE A 256 -11.67 -2.41 4.13
C PHE A 256 -13.15 -2.44 4.52
N VAL A 257 -13.93 -3.26 3.84
CA VAL A 257 -15.35 -3.37 4.14
C VAL A 257 -15.57 -3.89 5.56
N GLN A 258 -14.74 -4.83 6.01
CA GLN A 258 -14.86 -5.33 7.38
C GLN A 258 -14.68 -4.17 8.35
N LYS A 259 -13.79 -3.23 8.00
CA LYS A 259 -13.57 -2.07 8.86
C LYS A 259 -14.79 -1.15 8.84
N LEU A 260 -15.38 -0.97 7.67
CA LEU A 260 -16.57 -0.12 7.55
C LEU A 260 -17.74 -0.71 8.34
N LEU A 261 -17.79 -2.04 8.42
CA LEU A 261 -18.85 -2.73 9.14
C LEU A 261 -18.54 -2.84 10.63
N ASP A 262 -17.39 -2.32 11.03
CA ASP A 262 -16.95 -2.36 12.43
C ASP A 262 -16.88 -3.79 12.93
N GLN A 263 -16.25 -4.65 12.12
CA GLN A 263 -16.08 -6.06 12.47
C GLN A 263 -14.62 -6.43 12.66
N VAL A 264 -13.78 -5.43 12.86
CA VAL A 264 -12.36 -5.66 13.10
C VAL A 264 -12.03 -5.24 14.53
N SER A 265 -11.40 -6.13 15.28
CA SER A 265 -11.06 -5.86 16.68
C SER A 265 -10.10 -4.68 16.85
N ALA A 266 -10.18 -4.05 18.02
CA ALA A 266 -9.32 -2.93 18.35
C ALA A 266 -7.87 -3.38 18.28
N GLU A 267 -7.59 -4.60 18.75
CA GLU A 267 -6.23 -5.12 18.74
C GLU A 267 -5.72 -5.32 17.31
N ASP A 268 -6.58 -5.81 16.43
CA ASP A 268 -6.19 -6.03 15.04
C ASP A 268 -5.94 -4.69 14.34
N LEU A 269 -6.78 -3.72 14.63
CA LEU A 269 -6.63 -2.39 14.03
C LEU A 269 -5.32 -1.77 14.51
N ALA A 270 -5.04 -1.92 15.80
CA ALA A 270 -3.83 -1.35 16.39
C ALA A 270 -2.56 -2.00 15.86
N ALA A 271 -2.56 -3.32 15.73
CA ALA A 271 -1.38 -4.04 15.24
C ALA A 271 -1.05 -3.63 13.81
N GLU A 272 -2.06 -3.48 12.97
CA GLU A 272 -1.85 -3.09 11.58
C GLU A 272 -1.26 -1.67 11.51
N LYS A 273 -1.86 -0.76 12.26
CA LYS A 273 -1.40 0.63 12.28
C LYS A 273 0.05 0.71 12.75
N LYS A 274 0.38 -0.06 13.77
CA LYS A 274 1.74 -0.08 14.31
C LYS A 274 2.74 -0.51 13.26
N ARG A 275 2.41 -1.56 12.50
CA ARG A 275 3.29 -2.06 11.47
C ARG A 275 3.44 -1.03 10.35
N ILE A 276 2.31 -0.46 9.93
CA ILE A 276 2.31 0.54 8.88
C ILE A 276 3.22 1.71 9.21
N MET A 277 3.11 2.22 10.43
CA MET A 277 3.94 3.35 10.84
C MET A 277 5.40 2.98 11.04
N HIS A 278 5.65 1.75 11.48
CA HIS A 278 7.03 1.32 11.65
C HIS A 278 7.72 1.31 10.30
N CYS A 279 7.02 0.80 9.28
CA CYS A 279 7.58 0.74 7.94
C CYS A 279 7.80 2.13 7.34
N LEU A 280 6.82 3.02 7.50
CA LEU A 280 6.96 4.37 6.97
C LEU A 280 8.10 5.10 7.68
N GLY A 281 8.27 4.80 8.97
CA GLY A 281 9.34 5.43 9.73
C GLY A 281 10.69 4.99 9.22
N LEU A 282 10.81 3.70 8.90
CA LEU A 282 12.06 3.17 8.38
C LEU A 282 12.36 3.77 7.01
N ALA A 283 11.33 3.86 6.16
CA ALA A 283 11.51 4.42 4.83
C ALA A 283 12.04 5.85 4.94
N SER A 284 11.47 6.61 5.86
CA SER A 284 11.87 7.99 6.09
C SER A 284 13.32 8.05 6.56
N ASP A 285 13.70 7.20 7.50
CA ASP A 285 15.07 7.19 8.01
C ASP A 285 16.05 6.78 6.91
N ILE A 286 15.67 5.77 6.13
CA ILE A 286 16.51 5.28 5.04
C ILE A 286 16.78 6.39 4.02
N GLN A 287 15.76 7.16 3.70
CA GLN A 287 15.90 8.25 2.74
C GLN A 287 16.90 9.28 3.25
N LYS A 288 16.90 9.51 4.56
CA LYS A 288 17.81 10.47 5.15
C LYS A 288 19.25 9.98 5.06
N LEU A 289 19.45 8.68 5.25
CA LEU A 289 20.79 8.11 5.16
C LEU A 289 21.33 8.18 3.73
N CYS A 290 20.43 8.05 2.76
CA CYS A 290 20.82 8.10 1.35
C CYS A 290 20.92 9.53 0.85
#